data_8VNU
#
_entry.id   8VNU
#
_cell.length_a   113.574
_cell.length_b   113.574
_cell.length_c   87.695
_cell.angle_alpha   90.00
_cell.angle_beta   90.00
_cell.angle_gamma   120.00
#
_symmetry.space_group_name_H-M   'P 31 2 1'
#
loop_
_entity.id
_entity.type
_entity.pdbx_description
1 polymer "DNA (5'-D(*TP*TP*GP*AP*CP*TP*CP*TP*CP*TP*TP*AP*AP*GP*AP*GP*AP*GP*TP*CP*A)-3')"
2 polymer 'Intron-encoded endonuclease I-PpoI'
3 non-polymer 'THALLIUM (I) ION'
4 non-polymer 'SODIUM ION'
5 non-polymer GLYCEROL
6 non-polymer 'ZINC ION'
7 water water
#
loop_
_entity_poly.entity_id
_entity_poly.type
_entity_poly.pdbx_seq_one_letter_code
_entity_poly.pdbx_strand_id
1 'polydeoxyribonucleotide'
;(DT)(DT)(DG)(DA)(DC)(DT)(DC)(DT)(DC)(DT)(DT)(DA)(DA)(DG)(DA)(DG)(DA)(DG)(DT)(DC)
(DA)
;
C,D
2 'polypeptide(L)'
;ALTNAQILAVIDSWEETVGQFPVITHHVPLGGGLQGTLHCYEIPLAAPYGVGFAKNGPTRWQYKRTINQVVHRWGSHTVP
FLLEPDNINGKTCTASHLCHNTRCHNPLHLCWESLDDNKGRNWCPGPNGGCVHAVVCLRQGPLYGPGATVAGPQQRGSHF
VV
;
A,B
#
loop_
_chem_comp.id
_chem_comp.type
_chem_comp.name
_chem_comp.formula
DA DNA linking 2'-DEOXYADENOSINE-5'-MONOPHOSPHATE 'C10 H14 N5 O6 P'
DC DNA linking 2'-DEOXYCYTIDINE-5'-MONOPHOSPHATE 'C9 H14 N3 O7 P'
DG DNA linking 2'-DEOXYGUANOSINE-5'-MONOPHOSPHATE 'C10 H14 N5 O7 P'
DT DNA linking THYMIDINE-5'-MONOPHOSPHATE 'C10 H15 N2 O8 P'
GOL non-polymer GLYCEROL 'C3 H8 O3'
NA non-polymer 'SODIUM ION' 'Na 1'
TL non-polymer 'THALLIUM (I) ION' 'Tl 1'
ZN non-polymer 'ZINC ION' 'Zn 2'
#
# COMPACT_ATOMS: atom_id res chain seq x y z
N ALA C 1 24.32 -24.05 11.22
CA ALA C 1 23.63 -22.81 11.66
C ALA C 1 24.63 -21.84 12.29
N LEU C 2 24.51 -20.57 11.96
CA LEU C 2 25.41 -19.55 12.55
C LEU C 2 25.04 -19.36 14.01
N THR C 3 26.04 -19.29 14.87
CA THR C 3 25.81 -18.98 16.29
C THR C 3 25.36 -17.52 16.40
N ASN C 4 24.84 -17.13 17.57
CA ASN C 4 24.43 -15.71 17.78
CA ASN C 4 24.43 -15.72 17.77
C ASN C 4 25.67 -14.81 17.72
N ALA C 5 26.82 -15.29 18.17
CA ALA C 5 28.06 -14.52 18.08
C ALA C 5 28.45 -14.32 16.62
N GLN C 6 28.33 -15.37 15.81
CA GLN C 6 28.64 -15.27 14.36
C GLN C 6 27.68 -14.29 13.69
N ILE C 7 26.41 -14.31 14.11
CA ILE C 7 25.39 -13.37 13.54
C ILE C 7 25.79 -11.94 13.93
N LEU C 8 26.19 -11.78 15.19
CA LEU C 8 26.61 -10.45 15.67
C LEU C 8 27.81 -9.97 14.85
N ALA C 9 28.76 -10.86 14.58
CA ALA C 9 29.90 -10.46 13.76
C ALA C 9 29.47 -10.09 12.36
N VAL C 10 28.50 -10.84 11.80
CA VAL C 10 27.94 -10.47 10.50
C VAL C 10 27.33 -9.07 10.56
N ILE C 11 26.56 -8.80 11.61
CA ILE C 11 25.93 -7.48 11.72
C ILE C 11 26.99 -6.38 11.85
N ASP C 12 28.06 -6.66 12.60
CA ASP C 12 29.14 -5.70 12.77
C ASP C 12 29.86 -5.43 11.45
N SER C 13 30.17 -6.47 10.68
CA SER C 13 30.84 -6.22 9.42
C SER C 13 29.93 -5.49 8.44
N TRP C 14 28.63 -5.79 8.49
CA TRP C 14 27.67 -5.07 7.66
C TRP C 14 27.62 -3.58 8.02
N GLU C 15 27.55 -3.27 9.32
CA GLU C 15 27.52 -1.87 9.74
C GLU C 15 28.80 -1.15 9.36
N GLU C 16 29.96 -1.78 9.60
CA GLU C 16 31.24 -1.24 9.18
C GLU C 16 31.25 -0.86 7.69
N THR C 17 30.77 -1.78 6.84
CA THR C 17 30.78 -1.50 5.40
C THR C 17 29.76 -0.41 5.01
N VAL C 18 28.54 -0.51 5.54
CA VAL C 18 27.49 0.46 5.21
C VAL C 18 27.86 1.85 5.72
N GLY C 19 28.56 1.93 6.85
CA GLY C 19 28.94 3.22 7.41
C GLY C 19 29.86 4.01 6.50
N GLN C 20 30.48 3.34 5.53
CA GLN C 20 31.34 4.00 4.56
C GLN C 20 30.62 4.34 3.26
N PHE C 21 29.32 4.00 3.14
CA PHE C 21 28.54 4.44 2.00
C PHE C 21 28.49 5.97 1.98
N PRO C 22 28.32 6.58 0.81
CA PRO C 22 28.10 8.03 0.77
C PRO C 22 26.89 8.43 1.61
N VAL C 23 27.10 9.44 2.47
CA VAL C 23 26.05 9.96 3.35
C VAL C 23 25.47 11.20 2.71
N ILE C 24 24.19 11.13 2.39
CA ILE C 24 23.47 12.18 1.68
C ILE C 24 22.48 12.82 2.64
N THR C 25 22.51 14.15 2.72
CA THR C 25 21.57 14.88 3.56
C THR C 25 20.33 15.20 2.73
N HIS C 26 19.16 14.84 3.26
CA HIS C 26 17.90 15.09 2.59
C HIS C 26 17.02 15.91 3.50
N HIS C 27 16.44 16.98 2.96
CA HIS C 27 15.44 17.75 3.68
C HIS C 27 14.07 17.19 3.37
N VAL C 28 13.26 16.94 4.40
CA VAL C 28 12.06 16.10 4.25
C VAL C 28 10.90 16.73 5.03
N PRO C 29 9.68 16.52 4.54
CA PRO C 29 8.50 16.96 5.32
C PRO C 29 8.25 16.05 6.52
N LEU C 30 7.93 16.67 7.65
CA LEU C 30 7.62 15.94 8.87
C LEU C 30 6.13 15.87 9.18
N GLY C 31 5.29 16.54 8.39
CA GLY C 31 3.91 16.77 8.75
C GLY C 31 3.75 18.08 9.50
N GLY C 32 2.51 18.58 9.50
CA GLY C 32 2.24 19.86 10.14
C GLY C 32 2.99 21.02 9.53
N GLY C 33 3.32 20.93 8.25
CA GLY C 33 4.07 21.97 7.57
C GLY C 33 5.51 22.14 7.98
N LEU C 34 6.06 21.21 8.75
CA LEU C 34 7.43 21.29 9.24
C LEU C 34 8.37 20.51 8.31
N GLN C 35 9.61 20.92 8.36
CA GLN C 35 10.79 20.52 7.61
C GLN C 35 11.79 19.85 8.55
N GLY C 36 12.36 18.69 8.18
CA GLY C 36 13.36 18.04 9.00
C GLY C 36 14.50 17.59 8.09
N THR C 37 15.49 16.91 8.68
CA THR C 37 16.66 16.49 7.91
C THR C 37 16.97 15.02 8.19
N LEU C 38 17.18 14.22 7.15
CA LEU C 38 17.57 12.84 7.32
C LEU C 38 18.91 12.62 6.62
N HIS C 39 19.74 11.74 7.17
CA HIS C 39 21.06 11.46 6.60
C HIS C 39 21.07 9.99 6.17
N CYS C 40 20.95 9.76 4.87
CA CYS C 40 20.86 8.41 4.34
C CYS C 40 22.23 7.94 3.88
N TYR C 41 22.53 6.69 4.17
CA TYR C 41 23.79 6.05 3.76
C TYR C 41 23.48 5.21 2.52
N GLU C 42 23.81 5.73 1.34
CA GLU C 42 23.23 5.23 0.10
C GLU C 42 24.17 4.28 -0.65
N ILE C 43 23.66 3.09 -0.94
CA ILE C 43 24.46 2.13 -1.72
C ILE C 43 24.72 2.71 -3.11
N PRO C 44 25.91 2.53 -3.69
CA PRO C 44 26.18 3.09 -5.02
C PRO C 44 25.22 2.57 -6.08
N LEU C 45 25.11 3.33 -7.17
CA LEU C 45 24.20 2.99 -8.26
C LEU C 45 24.70 1.81 -9.10
N ALA C 46 26.00 1.52 -9.09
CA ALA C 46 26.57 0.48 -9.92
C ALA C 46 27.76 -0.13 -9.20
N ALA C 47 28.17 -1.31 -9.65
CA ALA C 47 29.26 -2.04 -9.02
C ALA C 47 30.55 -1.26 -9.14
N PRO C 48 31.44 -1.34 -8.13
CA PRO C 48 31.31 -2.09 -6.88
C PRO C 48 30.45 -1.36 -5.85
N TYR C 49 29.75 -2.11 -5.01
CA TYR C 49 28.86 -1.50 -4.02
C TYR C 49 29.50 -1.42 -2.65
N GLY C 50 30.39 -2.32 -2.33
CA GLY C 50 30.98 -2.43 -1.00
C GLY C 50 31.16 -3.90 -0.68
N VAL C 51 32.08 -4.18 0.25
CA VAL C 51 32.45 -5.56 0.54
C VAL C 51 31.21 -6.35 0.97
N GLY C 52 30.93 -7.44 0.26
CA GLY C 52 29.84 -8.33 0.58
C GLY C 52 28.54 -8.06 -0.13
N PHE C 53 28.44 -6.96 -0.88
CA PHE C 53 27.18 -6.50 -1.45
C PHE C 53 27.12 -6.75 -2.95
N ALA C 54 25.96 -7.18 -3.43
CA ALA C 54 25.71 -7.37 -4.87
C ALA C 54 24.25 -7.10 -5.18
N LYS C 55 24.01 -6.57 -6.37
CA LYS C 55 22.68 -6.19 -6.80
C LYS C 55 21.99 -7.38 -7.48
N ASN C 56 20.84 -7.79 -6.93
CA ASN C 56 20.05 -8.84 -7.57
C ASN C 56 18.86 -8.28 -8.32
N GLY C 57 18.62 -6.98 -8.24
CA GLY C 57 17.58 -6.38 -9.04
C GLY C 57 17.75 -4.88 -9.10
N PRO C 58 16.97 -4.23 -9.96
CA PRO C 58 17.09 -2.77 -10.14
C PRO C 58 17.21 -1.99 -8.84
N THR C 59 16.42 -2.34 -7.83
CA THR C 59 16.56 -1.77 -6.50
C THR C 59 16.55 -2.86 -5.45
N ARG C 60 17.23 -3.96 -5.71
CA ARG C 60 17.35 -5.03 -4.74
C ARG C 60 18.82 -5.40 -4.63
N TRP C 61 19.30 -5.57 -3.41
CA TRP C 61 20.67 -5.99 -3.15
C TRP C 61 20.66 -7.09 -2.11
N GLN C 62 21.77 -7.83 -2.05
CA GLN C 62 21.98 -8.87 -1.07
C GLN C 62 23.36 -8.71 -0.42
N TYR C 63 23.46 -9.17 0.82
CA TYR C 63 24.71 -9.24 1.57
C TYR C 63 25.09 -10.71 1.75
N LYS C 64 26.35 -11.03 1.47
CA LYS C 64 26.82 -12.40 1.44
C LYS C 64 28.08 -12.51 2.28
N ARG C 65 28.13 -13.49 3.18
CA ARG C 65 29.34 -13.78 3.94
C ARG C 65 29.55 -15.28 3.95
N THR C 66 30.79 -15.73 3.80
CA THR C 66 31.11 -17.15 3.82
C THR C 66 31.78 -17.47 5.14
N ILE C 67 31.15 -18.35 5.92
CA ILE C 67 31.57 -18.69 7.27
C ILE C 67 31.74 -20.20 7.33
N ASN C 68 32.92 -20.64 7.76
CA ASN C 68 33.25 -22.06 7.83
C ASN C 68 32.86 -22.77 6.53
N GLN C 69 33.30 -22.20 5.41
CA GLN C 69 33.11 -22.76 4.08
C GLN C 69 31.65 -22.78 3.64
N VAL C 70 30.73 -22.19 4.40
CA VAL C 70 29.32 -22.15 4.02
C VAL C 70 28.96 -20.72 3.65
N VAL C 71 28.33 -20.56 2.50
CA VAL C 71 27.92 -19.25 2.00
C VAL C 71 26.56 -18.91 2.59
N HIS C 72 26.46 -17.77 3.26
CA HIS C 72 25.20 -17.26 3.77
C HIS C 72 24.87 -15.97 3.05
N ARG C 73 23.59 -15.78 2.69
CA ARG C 73 23.17 -14.61 1.95
C ARG C 73 21.83 -14.12 2.48
N TRP C 74 21.70 -12.80 2.61
CA TRP C 74 20.52 -12.14 3.16
C TRP C 74 20.16 -10.94 2.28
N GLY C 75 18.89 -10.59 2.25
CA GLY C 75 18.51 -9.30 1.68
C GLY C 75 19.28 -8.19 2.37
N SER C 76 19.73 -7.21 1.59
CA SER C 76 20.72 -6.27 2.10
C SER C 76 20.20 -5.42 3.26
N HIS C 77 18.89 -5.18 3.36
CA HIS C 77 18.36 -4.40 4.46
C HIS C 77 17.92 -5.24 5.65
N THR C 78 17.94 -6.56 5.53
CA THR C 78 17.47 -7.41 6.60
C THR C 78 18.56 -7.67 7.65
N VAL C 79 19.82 -7.39 7.33
CA VAL C 79 20.92 -7.77 8.21
C VAL C 79 20.80 -7.16 9.62
N PRO C 80 20.41 -5.89 9.80
CA PRO C 80 20.27 -5.37 11.18
C PRO C 80 19.31 -6.18 12.05
N PHE C 81 18.39 -6.95 11.45
CA PHE C 81 17.33 -7.59 12.21
C PHE C 81 17.55 -9.10 12.34
N LEU C 82 18.77 -9.58 12.09
CA LEU C 82 19.06 -11.01 12.12
C LEU C 82 18.94 -11.61 13.52
N LEU C 83 18.94 -10.80 14.56
CA LEU C 83 18.71 -11.29 15.91
C LEU C 83 17.27 -11.03 16.38
N GLU C 84 16.36 -10.68 15.49
CA GLU C 84 14.97 -10.44 15.84
C GLU C 84 14.07 -11.58 15.38
N PRO C 85 12.89 -11.72 15.97
CA PRO C 85 11.88 -12.61 15.39
C PRO C 85 11.64 -12.22 13.92
N ASP C 86 11.44 -13.22 13.07
CA ASP C 86 11.26 -12.97 11.66
C ASP C 86 9.79 -13.00 11.20
N ASN C 87 8.84 -13.17 12.12
CA ASN C 87 7.42 -13.08 11.78
C ASN C 87 6.67 -12.54 13.00
N ILE C 88 5.45 -12.08 12.75
CA ILE C 88 4.56 -11.53 13.77
C ILE C 88 3.13 -11.66 13.27
N ASN C 89 2.22 -12.12 14.14
CA ASN C 89 0.80 -12.30 13.79
C ASN C 89 0.64 -13.15 12.53
N GLY C 90 1.52 -14.11 12.35
CA GLY C 90 1.47 -14.92 11.14
C GLY C 90 1.93 -14.23 9.87
N LYS C 91 2.57 -13.07 9.98
CA LYS C 91 3.07 -12.34 8.82
C LYS C 91 4.59 -12.26 8.84
N THR C 92 5.21 -12.40 7.67
CA THR C 92 6.66 -12.27 7.55
C THR C 92 7.10 -10.85 7.86
N CYS C 93 8.18 -10.72 8.62
CA CYS C 93 8.78 -9.42 8.85
C CYS C 93 9.63 -8.99 7.66
N THR C 94 9.55 -7.71 7.33
CA THR C 94 10.23 -7.10 6.21
C THR C 94 10.94 -5.84 6.68
N ALA C 95 12.04 -5.53 5.99
CA ALA C 95 12.76 -4.29 6.23
C ALA C 95 11.98 -3.13 5.64
N SER C 96 11.73 -2.14 6.47
CA SER C 96 10.80 -1.06 6.20
C SER C 96 11.56 0.26 6.30
N HIS C 97 11.65 0.99 5.18
CA HIS C 97 12.40 2.24 5.13
C HIS C 97 11.59 3.38 5.74
N LEU C 98 12.01 3.86 6.92
CA LEU C 98 11.40 5.05 7.48
C LEU C 98 11.74 6.31 6.67
N CYS C 99 12.84 6.28 5.92
CA CYS C 99 13.21 7.39 5.08
C CYS C 99 12.65 7.28 3.67
N HIS C 100 12.03 6.15 3.34
CA HIS C 100 11.41 5.93 2.02
C HIS C 100 12.41 6.12 0.90
N ASN C 101 13.67 5.72 1.15
CA ASN C 101 14.79 5.91 0.24
C ASN C 101 15.43 4.53 0.05
N THR C 102 15.09 3.84 -1.04
CA THR C 102 15.39 2.41 -1.18
C THR C 102 16.89 2.12 -1.08
N ARG C 103 17.72 2.95 -1.72
CA ARG C 103 19.17 2.74 -1.70
C ARG C 103 19.77 2.97 -0.31
N CYS C 104 19.05 3.64 0.58
CA CYS C 104 19.57 3.89 1.91
C CYS C 104 19.67 2.59 2.70
N HIS C 105 20.81 2.39 3.37
CA HIS C 105 21.00 1.22 4.22
C HIS C 105 21.31 1.61 5.66
N ASN C 106 21.08 2.87 6.02
CA ASN C 106 21.21 3.38 7.39
C ASN C 106 20.28 2.59 8.31
N PRO C 107 20.82 1.79 9.21
CA PRO C 107 19.94 1.01 10.11
C PRO C 107 19.12 1.88 11.03
N LEU C 108 19.52 3.13 11.25
CA LEU C 108 18.65 4.04 11.98
C LEU C 108 17.48 4.53 11.13
N HIS C 109 17.41 4.14 9.86
CA HIS C 109 16.30 4.48 8.98
C HIS C 109 15.41 3.29 8.65
N LEU C 110 15.60 2.14 9.30
CA LEU C 110 14.90 0.90 9.00
C LEU C 110 14.16 0.40 10.23
N CYS C 111 12.99 -0.19 10.00
CA CYS C 111 12.36 -0.99 11.04
C CYS C 111 11.95 -2.33 10.45
N TRP C 112 11.39 -3.19 11.28
CA TRP C 112 11.24 -4.62 10.98
C TRP C 112 9.80 -4.98 11.28
N GLU C 113 8.98 -5.14 10.24
CA GLU C 113 7.53 -5.20 10.46
C GLU C 113 6.87 -5.87 9.26
N SER C 114 5.57 -6.14 9.38
CA SER C 114 4.85 -6.81 8.30
C SER C 114 4.85 -5.96 7.02
N LEU C 115 4.64 -6.63 5.90
CA LEU C 115 4.62 -5.92 4.63
C LEU C 115 3.50 -4.87 4.61
N ASP C 116 2.34 -5.18 5.22
CA ASP C 116 1.24 -4.20 5.28
C ASP C 116 1.64 -2.96 6.08
N ASP C 117 2.23 -3.13 7.26
CA ASP C 117 2.67 -1.99 8.07
C ASP C 117 3.69 -1.15 7.28
N ASN C 118 4.65 -1.84 6.68
CA ASN C 118 5.67 -1.27 5.81
C ASN C 118 5.05 -0.37 4.76
N LYS C 119 4.17 -0.94 3.94
CA LYS C 119 3.51 -0.18 2.87
C LYS C 119 2.78 1.04 3.44
N GLY C 120 2.02 0.83 4.53
CA GLY C 120 1.16 1.89 5.02
C GLY C 120 1.91 3.13 5.40
N ARG C 121 3.19 2.98 5.78
CA ARG C 121 3.97 4.19 6.03
C ARG C 121 4.07 5.13 4.82
N ASN C 122 3.78 4.66 3.60
CA ASN C 122 3.79 5.57 2.44
C ASN C 122 2.79 6.70 2.57
N TRP C 123 1.70 6.48 3.31
CA TRP C 123 0.62 7.46 3.40
C TRP C 123 0.52 8.10 4.78
N CYS C 124 1.53 7.93 5.64
CA CYS C 124 1.42 8.49 6.98
C CYS C 124 1.60 10.01 6.97
N PRO C 125 0.81 10.74 7.78
CA PRO C 125 1.01 12.20 7.86
C PRO C 125 2.34 12.61 8.46
N GLY C 126 3.02 11.72 9.17
CA GLY C 126 4.34 12.04 9.65
C GLY C 126 4.38 12.33 11.12
N PRO C 127 5.60 12.37 11.68
CA PRO C 127 5.74 12.51 13.13
C PRO C 127 5.20 13.83 13.66
N ASN C 128 5.07 14.85 12.82
CA ASN C 128 4.48 16.11 13.24
C ASN C 128 3.13 16.37 12.61
N GLY C 129 2.51 15.37 11.99
CA GLY C 129 1.24 15.58 11.35
C GLY C 129 0.20 14.60 11.84
N GLY C 130 0.53 13.83 12.87
CA GLY C 130 -0.42 12.91 13.46
C GLY C 130 -0.11 11.42 13.30
N CYS C 131 1.14 11.03 13.04
CA CYS C 131 1.50 9.61 12.96
C CYS C 131 1.12 8.89 14.24
N VAL C 132 0.46 7.73 14.11
CA VAL C 132 0.09 6.91 15.26
C VAL C 132 0.89 5.61 15.31
N HIS C 133 1.90 5.45 14.47
CA HIS C 133 2.74 4.26 14.51
C HIS C 133 3.49 4.19 15.84
N ALA C 134 3.46 3.02 16.48
CA ALA C 134 4.14 2.86 17.77
C ALA C 134 5.64 3.06 17.61
N VAL C 135 6.23 2.49 16.56
CA VAL C 135 7.57 2.87 16.13
C VAL C 135 7.35 4.02 15.16
N VAL C 136 7.63 5.23 15.64
CA VAL C 136 7.15 6.45 14.98
C VAL C 136 7.85 6.64 13.64
N CYS C 137 7.12 7.22 12.69
CA CYS C 137 7.71 7.57 11.42
C CYS C 137 8.77 8.66 11.61
N LEU C 138 9.77 8.65 10.71
CA LEU C 138 10.75 9.72 10.65
C LEU C 138 10.32 10.89 9.78
N ARG C 139 9.34 10.68 8.91
CA ARG C 139 8.92 11.74 8.00
C ARG C 139 7.50 11.47 7.52
N GLN C 140 6.90 12.48 6.93
CA GLN C 140 5.65 12.29 6.23
C GLN C 140 5.86 11.35 5.04
N GLY C 141 4.90 10.46 4.82
CA GLY C 141 4.95 9.55 3.71
C GLY C 141 4.89 10.27 2.38
N PRO C 142 5.65 9.79 1.39
CA PRO C 142 5.68 10.47 0.07
C PRO C 142 4.35 10.50 -0.65
N LEU C 143 3.40 9.65 -0.30
CA LEU C 143 2.12 9.58 -1.00
C LEU C 143 0.98 10.15 -0.18
N TYR C 144 1.26 10.69 1.01
CA TYR C 144 0.24 11.34 1.82
C TYR C 144 -0.31 12.55 1.07
N GLY C 145 -1.62 12.80 1.19
CA GLY C 145 -2.20 13.96 0.59
C GLY C 145 -3.61 13.75 0.08
N PRO C 146 -4.14 14.75 -0.63
CA PRO C 146 -5.54 14.67 -1.09
C PRO C 146 -5.75 13.64 -2.18
N GLY C 147 -4.68 13.17 -2.81
CA GLY C 147 -4.81 12.24 -3.90
C GLY C 147 -5.20 12.95 -5.19
N ALA C 148 -5.35 12.16 -6.24
CA ALA C 148 -5.71 12.68 -7.56
C ALA C 148 -6.83 11.80 -8.13
N THR C 149 -7.94 11.74 -7.42
CA THR C 149 -9.07 10.92 -7.85
C THR C 149 -9.71 11.50 -9.11
N VAL C 150 -9.89 10.66 -10.12
CA VAL C 150 -10.45 11.12 -11.37
C VAL C 150 -11.97 11.22 -11.30
N ALA C 151 -12.63 10.27 -10.65
CA ALA C 151 -14.08 10.30 -10.56
C ALA C 151 -14.52 9.72 -9.23
N GLY C 152 -15.52 10.34 -8.61
CA GLY C 152 -16.00 9.94 -7.30
C GLY C 152 -17.20 9.03 -7.39
N PRO C 153 -17.74 8.64 -6.24
CA PRO C 153 -18.91 7.77 -6.24
C PRO C 153 -20.11 8.46 -6.89
N GLN C 154 -20.83 7.71 -7.72
CA GLN C 154 -21.88 8.27 -8.57
C GLN C 154 -22.73 7.14 -9.14
N GLN C 155 -24.01 7.44 -9.41
CA GLN C 155 -24.90 6.51 -10.10
C GLN C 155 -25.71 7.29 -11.12
N ARG C 156 -26.14 6.60 -12.18
CA ARG C 156 -26.96 7.24 -13.19
C ARG C 156 -28.44 7.21 -12.85
N GLY C 157 -28.91 6.12 -12.26
CA GLY C 157 -30.30 5.99 -11.85
C GLY C 157 -30.48 6.26 -10.38
N SER C 158 -31.42 5.55 -9.78
CA SER C 158 -31.70 5.62 -8.35
C SER C 158 -31.79 4.23 -7.73
N HIS C 159 -30.96 3.29 -8.18
CA HIS C 159 -31.01 1.93 -7.64
C HIS C 159 -30.28 1.81 -6.31
N PHE C 160 -29.44 2.80 -5.95
CA PHE C 160 -28.51 2.63 -4.86
C PHE C 160 -28.68 3.72 -3.80
N VAL C 161 -28.38 3.33 -2.55
CA VAL C 161 -28.14 4.24 -1.44
C VAL C 161 -26.75 3.92 -0.90
N VAL C 162 -26.15 4.90 -0.23
CA VAL C 162 -24.84 4.64 0.41
C VAL C 162 -25.02 3.73 1.63
N ALA D 1 -20.13 -0.15 -25.93
CA ALA D 1 -18.97 -0.33 -26.80
C ALA D 1 -18.42 1.01 -27.23
N LEU D 2 -18.45 1.27 -28.53
CA LEU D 2 -17.76 2.43 -29.07
C LEU D 2 -18.52 3.74 -28.78
N THR D 3 -19.82 3.83 -29.11
CA THR D 3 -20.47 5.12 -28.98
C THR D 3 -20.86 5.46 -27.53
N ASN D 4 -21.06 6.76 -27.31
CA ASN D 4 -21.52 7.25 -26.00
C ASN D 4 -22.85 6.64 -25.60
N ALA D 5 -23.79 6.57 -26.54
CA ALA D 5 -25.09 5.97 -26.23
C ALA D 5 -24.94 4.51 -25.84
N GLN D 6 -24.07 3.78 -26.55
CA GLN D 6 -23.85 2.38 -26.21
C GLN D 6 -23.21 2.24 -24.83
N ILE D 7 -22.28 3.14 -24.48
CA ILE D 7 -21.66 3.10 -23.16
C ILE D 7 -22.68 3.40 -22.07
N LEU D 8 -23.57 4.35 -22.29
CA LEU D 8 -24.62 4.67 -21.28
C LEU D 8 -25.51 3.45 -21.08
N ALA D 9 -25.75 2.69 -22.13
CA ALA D 9 -26.63 1.50 -22.05
C ALA D 9 -25.96 0.41 -21.21
N VAL D 10 -24.64 0.30 -21.33
CA VAL D 10 -23.89 -0.69 -20.51
C VAL D 10 -23.96 -0.30 -19.03
N ILE D 11 -23.69 0.96 -18.72
CA ILE D 11 -23.73 1.44 -17.31
C ILE D 11 -25.13 1.20 -16.73
N ASP D 12 -26.18 1.49 -17.50
CA ASP D 12 -27.57 1.35 -16.99
C ASP D 12 -27.91 -0.13 -16.77
N SER D 13 -27.53 -0.99 -17.70
CA SER D 13 -27.76 -2.44 -17.55
C SER D 13 -26.99 -2.98 -16.33
N TRP D 14 -25.74 -2.54 -16.16
CA TRP D 14 -24.92 -2.95 -15.00
C TRP D 14 -25.60 -2.49 -13.71
N GLU D 15 -26.05 -1.24 -13.66
CA GLU D 15 -26.67 -0.69 -12.43
C GLU D 15 -27.94 -1.51 -12.12
N GLU D 16 -28.72 -1.85 -13.15
CA GLU D 16 -29.98 -2.61 -12.94
C GLU D 16 -29.68 -3.97 -12.33
N THR D 17 -28.69 -4.67 -12.88
CA THR D 17 -28.33 -6.02 -12.38
C THR D 17 -27.74 -5.92 -10.96
N VAL D 18 -26.82 -4.99 -10.74
CA VAL D 18 -26.15 -4.85 -9.40
C VAL D 18 -27.18 -4.35 -8.38
N GLY D 19 -28.17 -3.58 -8.83
CA GLY D 19 -29.23 -3.09 -7.94
C GLY D 19 -30.08 -4.23 -7.43
N GLN D 20 -29.94 -5.41 -8.02
CA GLN D 20 -30.68 -6.62 -7.57
C GLN D 20 -29.75 -7.50 -6.70
N PHE D 21 -28.46 -7.16 -6.59
CA PHE D 21 -27.63 -7.91 -5.66
C PHE D 21 -28.17 -7.75 -4.25
N PRO D 22 -27.94 -8.75 -3.39
CA PRO D 22 -28.26 -8.58 -1.96
C PRO D 22 -27.61 -7.35 -1.34
N VAL D 23 -28.41 -6.59 -0.60
CA VAL D 23 -27.97 -5.39 0.12
C VAL D 23 -27.66 -5.78 1.56
N ILE D 24 -26.38 -5.69 1.92
CA ILE D 24 -25.88 -6.09 3.23
C ILE D 24 -25.44 -4.83 3.97
N THR D 25 -25.90 -4.70 5.20
CA THR D 25 -25.56 -3.57 6.04
C THR D 25 -24.26 -3.86 6.77
N HIS D 26 -23.31 -2.93 6.70
CA HIS D 26 -22.05 -3.05 7.43
C HIS D 26 -21.84 -1.81 8.29
N HIS D 27 -21.60 -2.01 9.58
CA HIS D 27 -21.26 -0.90 10.46
C HIS D 27 -19.75 -0.77 10.52
N VAL D 28 -19.27 0.47 10.42
CA VAL D 28 -17.85 0.69 10.12
C VAL D 28 -17.30 1.78 11.00
N PRO D 29 -16.01 1.69 11.34
CA PRO D 29 -15.36 2.81 12.05
C PRO D 29 -15.18 3.99 11.10
N LEU D 30 -15.47 5.19 11.59
CA LEU D 30 -15.32 6.41 10.81
C LEU D 30 -14.06 7.19 11.19
N GLY D 31 -13.38 6.78 12.26
CA GLY D 31 -12.37 7.59 12.89
C GLY D 31 -12.96 8.46 13.99
N GLY D 32 -12.08 8.95 14.86
CA GLY D 32 -12.50 9.80 15.96
C GLY D 32 -13.45 9.12 16.91
N GLY D 33 -13.36 7.81 17.03
CA GLY D 33 -14.26 7.06 17.89
C GLY D 33 -15.69 6.97 17.41
N LEU D 34 -15.98 7.37 16.17
CA LEU D 34 -17.34 7.34 15.64
C LEU D 34 -17.55 6.13 14.73
N GLN D 35 -18.82 5.76 14.58
CA GLN D 35 -19.26 4.63 13.78
C GLN D 35 -20.32 5.07 12.77
N GLY D 36 -20.28 4.50 11.58
CA GLY D 36 -21.26 4.76 10.54
C GLY D 36 -21.80 3.45 9.97
N THR D 37 -22.66 3.60 8.99
CA THR D 37 -23.36 2.47 8.38
C THR D 37 -23.29 2.56 6.86
N LEU D 38 -22.88 1.48 6.22
CA LEU D 38 -22.82 1.38 4.77
C LEU D 38 -23.72 0.24 4.32
N HIS D 39 -24.26 0.38 3.10
CA HIS D 39 -25.12 -0.63 2.49
C HIS D 39 -24.45 -1.10 1.21
N CYS D 40 -23.83 -2.28 1.27
CA CYS D 40 -23.08 -2.81 0.15
C CYS D 40 -23.98 -3.71 -0.67
N TYR D 41 -23.82 -3.63 -1.99
CA TYR D 41 -24.55 -4.49 -2.91
C TYR D 41 -23.57 -5.58 -3.36
N GLU D 42 -23.71 -6.77 -2.78
CA GLU D 42 -22.63 -7.76 -2.82
C GLU D 42 -22.91 -8.84 -3.86
N ILE D 43 -21.95 -9.02 -4.78
CA ILE D 43 -22.10 -10.07 -5.80
C ILE D 43 -22.14 -11.42 -5.11
N PRO D 44 -22.94 -12.38 -5.59
CA PRO D 44 -23.02 -13.67 -4.91
C PRO D 44 -21.68 -14.38 -4.84
N LEU D 45 -21.57 -15.29 -3.88
CA LEU D 45 -20.35 -16.05 -3.66
C LEU D 45 -20.12 -17.10 -4.74
N ALA D 46 -21.18 -17.54 -5.42
CA ALA D 46 -21.07 -18.62 -6.38
C ALA D 46 -22.06 -18.38 -7.51
N ALA D 47 -21.84 -19.09 -8.61
CA ALA D 47 -22.68 -18.94 -9.78
C ALA D 47 -24.10 -19.35 -9.44
N PRO D 48 -25.12 -18.72 -10.02
CA PRO D 48 -25.04 -17.58 -10.96
C PRO D 48 -24.83 -16.28 -10.21
N TYR D 49 -24.15 -15.30 -10.80
CA TYR D 49 -23.90 -14.03 -10.11
C TYR D 49 -24.87 -12.94 -10.53
N GLY D 50 -25.39 -13.01 -11.74
CA GLY D 50 -26.22 -11.98 -12.30
C GLY D 50 -25.93 -11.87 -13.78
N VAL D 51 -26.90 -11.36 -14.52
CA VAL D 51 -26.81 -11.31 -15.97
C VAL D 51 -25.59 -10.48 -16.39
N GLY D 52 -24.69 -11.12 -17.15
CA GLY D 52 -23.51 -10.46 -17.65
C GLY D 52 -22.25 -10.64 -16.81
N PHE D 53 -22.35 -11.25 -15.63
CA PHE D 53 -21.23 -11.35 -14.69
C PHE D 53 -20.66 -12.76 -14.65
N ALA D 54 -19.34 -12.85 -14.62
CA ALA D 54 -18.66 -14.12 -14.45
C ALA D 54 -17.41 -13.88 -13.61
N LYS D 55 -17.06 -14.87 -12.81
CA LYS D 55 -15.93 -14.77 -11.91
C LYS D 55 -14.66 -15.26 -12.61
N ASN D 56 -13.67 -14.38 -12.72
CA ASN D 56 -12.36 -14.77 -13.25
C ASN D 56 -11.30 -14.97 -12.16
N GLY D 57 -11.62 -14.75 -10.90
CA GLY D 57 -10.67 -15.07 -9.86
C GLY D 57 -11.35 -15.10 -8.52
N PRO D 58 -10.68 -15.62 -7.47
CA PRO D 58 -11.30 -15.74 -6.15
C PRO D 58 -12.07 -14.49 -5.72
N THR D 59 -11.51 -13.30 -5.95
CA THR D 59 -12.27 -12.08 -5.73
C THR D 59 -12.17 -11.15 -6.95
N ARG D 60 -12.26 -11.71 -8.14
CA ARG D 60 -12.28 -10.95 -9.39
C ARG D 60 -13.46 -11.42 -10.22
N TRP D 61 -14.18 -10.45 -10.80
CA TRP D 61 -15.32 -10.69 -11.69
C TRP D 61 -15.20 -9.80 -12.91
N GLN D 62 -15.91 -10.18 -13.98
CA GLN D 62 -15.99 -9.39 -15.20
C GLN D 62 -17.44 -9.27 -15.63
N TYR D 63 -17.74 -8.15 -16.28
CA TYR D 63 -19.03 -7.86 -16.88
C TYR D 63 -18.89 -7.94 -18.40
N LYS D 64 -19.82 -8.62 -19.05
CA LYS D 64 -19.74 -8.96 -20.46
C LYS D 64 -21.03 -8.55 -21.14
N ARG D 65 -20.94 -7.85 -22.28
CA ARG D 65 -22.12 -7.50 -23.07
C ARG D 65 -21.84 -7.70 -24.56
N THR D 66 -22.87 -8.11 -25.31
CA THR D 66 -22.73 -8.30 -26.74
C THR D 66 -23.36 -7.09 -27.43
N ILE D 67 -22.57 -6.32 -28.17
CA ILE D 67 -23.12 -5.09 -28.73
C ILE D 67 -23.39 -5.37 -30.20
N ASN D 68 -22.49 -4.95 -31.08
CA ASN D 68 -22.71 -5.15 -32.51
C ASN D 68 -22.22 -6.55 -32.92
N GLN D 69 -22.80 -7.54 -32.25
CA GLN D 69 -22.51 -8.96 -32.42
C GLN D 69 -21.12 -9.31 -31.91
N VAL D 70 -20.42 -8.37 -31.29
CA VAL D 70 -19.08 -8.58 -30.74
C VAL D 70 -19.15 -8.48 -29.22
N VAL D 71 -18.41 -9.34 -28.57
CA VAL D 71 -18.41 -9.39 -27.11
C VAL D 71 -17.44 -8.34 -26.57
N HIS D 72 -17.93 -7.49 -25.67
CA HIS D 72 -17.12 -6.54 -24.92
C HIS D 72 -17.14 -6.96 -23.45
N ARG D 73 -15.98 -6.86 -22.80
CA ARG D 73 -15.84 -7.32 -21.43
C ARG D 73 -14.98 -6.34 -20.66
N TRP D 74 -15.37 -6.09 -19.41
CA TRP D 74 -14.68 -5.16 -18.51
C TRP D 74 -14.56 -5.80 -17.13
N GLY D 75 -13.54 -5.38 -16.37
CA GLY D 75 -13.54 -5.70 -14.96
C GLY D 75 -14.83 -5.22 -14.31
N SER D 76 -15.38 -6.06 -13.43
CA SER D 76 -16.76 -5.85 -12.98
C SER D 76 -16.96 -4.53 -12.26
N HIS D 77 -15.93 -3.97 -11.65
CA HIS D 77 -16.07 -2.70 -10.93
C HIS D 77 -15.76 -1.47 -11.78
N THR D 78 -15.27 -1.65 -13.01
CA THR D 78 -14.88 -0.53 -13.85
C THR D 78 -16.04 0.07 -14.63
N VAL D 79 -17.18 -0.64 -14.72
CA VAL D 79 -18.24 -0.18 -15.61
C VAL D 79 -18.78 1.20 -15.28
N PRO D 80 -18.97 1.62 -14.01
CA PRO D 80 -19.45 2.99 -13.75
C PRO D 80 -18.58 4.07 -14.35
N PHE D 81 -17.33 3.77 -14.66
CA PHE D 81 -16.34 4.78 -15.02
C PHE D 81 -15.94 4.72 -16.48
N LEU D 82 -16.75 4.08 -17.33
CA LEU D 82 -16.36 3.87 -18.72
C LEU D 82 -16.26 5.16 -19.52
N LEU D 83 -16.87 6.24 -19.04
CA LEU D 83 -16.79 7.53 -19.70
C LEU D 83 -15.73 8.44 -19.11
N GLU D 84 -14.90 7.94 -18.22
CA GLU D 84 -13.86 8.75 -17.62
C GLU D 84 -12.52 8.45 -18.28
N PRO D 85 -11.56 9.36 -18.19
CA PRO D 85 -10.19 9.04 -18.60
C PRO D 85 -9.74 7.77 -17.90
N ASP D 86 -9.00 6.92 -18.62
CA ASP D 86 -8.55 5.67 -18.03
C ASP D 86 -7.16 5.76 -17.44
N ASN D 87 -6.57 6.96 -17.41
CA ASN D 87 -5.29 7.17 -16.77
C ASN D 87 -5.25 8.59 -16.21
N ILE D 88 -4.27 8.82 -15.34
CA ILE D 88 -4.05 10.10 -14.69
C ILE D 88 -2.57 10.18 -14.40
N ASN D 89 -1.94 11.28 -14.82
CA ASN D 89 -0.50 11.49 -14.65
C ASN D 89 0.30 10.30 -15.17
N GLY D 90 -0.18 9.67 -16.24
CA GLY D 90 0.51 8.49 -16.72
C GLY D 90 0.34 7.25 -15.88
N LYS D 91 -0.60 7.24 -14.95
CA LYS D 91 -0.89 6.07 -14.12
C LYS D 91 -2.28 5.56 -14.47
N THR D 92 -2.43 4.24 -14.54
CA THR D 92 -3.71 3.64 -14.85
C THR D 92 -4.72 3.95 -13.75
N CYS D 93 -5.95 4.28 -14.17
CA CYS D 93 -7.03 4.45 -13.23
C CYS D 93 -7.59 3.08 -12.85
N THR D 94 -7.92 2.92 -11.57
CA THR D 94 -8.44 1.68 -11.03
C THR D 94 -9.68 1.98 -10.21
N ALA D 95 -10.58 1.00 -10.17
CA ALA D 95 -11.74 1.08 -9.30
C ALA D 95 -11.33 0.83 -7.87
N SER D 96 -11.72 1.75 -6.99
CA SER D 96 -11.24 1.80 -5.62
C SER D 96 -12.44 1.69 -4.70
N HIS D 97 -12.45 0.65 -3.87
CA HIS D 97 -13.56 0.37 -2.96
C HIS D 97 -13.46 1.27 -1.72
N LEU D 98 -14.33 2.29 -1.63
CA LEU D 98 -14.38 3.10 -0.42
C LEU D 98 -14.89 2.30 0.77
N CYS D 99 -15.64 1.23 0.53
CA CYS D 99 -16.15 0.39 1.61
C CYS D 99 -15.20 -0.75 1.95
N HIS D 100 -14.10 -0.91 1.21
CA HIS D 100 -13.10 -1.95 1.47
C HIS D 100 -13.74 -3.35 1.48
N ASN D 101 -14.71 -3.55 0.58
CA ASN D 101 -15.50 -4.79 0.50
C ASN D 101 -15.50 -5.23 -0.96
N THR D 102 -14.61 -6.18 -1.29
CA THR D 102 -14.34 -6.51 -2.68
C THR D 102 -15.60 -6.96 -3.42
N ARG D 103 -16.44 -7.76 -2.76
CA ARG D 103 -17.66 -8.27 -3.40
C ARG D 103 -18.67 -7.16 -3.65
N CYS D 104 -18.56 -6.03 -2.97
CA CYS D 104 -19.50 -4.93 -3.17
C CYS D 104 -19.32 -4.30 -4.54
N HIS D 105 -20.44 -4.05 -5.22
CA HIS D 105 -20.46 -3.36 -6.51
C HIS D 105 -21.32 -2.09 -6.48
N ASN D 106 -21.70 -1.62 -5.31
CA ASN D 106 -22.41 -0.35 -5.16
C ASN D 106 -21.54 0.78 -5.71
N PRO D 107 -21.94 1.43 -6.82
CA PRO D 107 -21.10 2.52 -7.35
C PRO D 107 -21.00 3.71 -6.42
N LEU D 108 -21.92 3.84 -5.47
CA LEU D 108 -21.74 4.87 -4.45
C LEU D 108 -20.65 4.50 -3.45
N HIS D 109 -20.06 3.30 -3.57
CA HIS D 109 -18.90 2.91 -2.76
C HIS D 109 -17.62 2.83 -3.58
N LEU D 110 -17.64 3.28 -4.83
CA LEU D 110 -16.49 3.17 -5.73
C LEU D 110 -16.01 4.55 -6.17
N CYS D 111 -14.70 4.68 -6.31
CA CYS D 111 -14.13 5.82 -7.00
C CYS D 111 -13.07 5.30 -7.99
N TRP D 112 -12.46 6.23 -8.73
CA TRP D 112 -11.68 5.93 -9.91
C TRP D 112 -10.39 6.71 -9.79
N GLU D 113 -9.28 6.02 -9.50
CA GLU D 113 -8.07 6.73 -9.10
C GLU D 113 -6.86 5.82 -9.31
N SER D 114 -5.67 6.38 -9.16
CA SER D 114 -4.46 5.58 -9.36
C SER D 114 -4.42 4.43 -8.35
N LEU D 115 -3.64 3.40 -8.69
CA LEU D 115 -3.50 2.26 -7.79
C LEU D 115 -2.90 2.69 -6.45
N ASP D 116 -1.99 3.66 -6.46
CA ASP D 116 -1.42 4.18 -5.22
C ASP D 116 -2.49 4.83 -4.33
N ASP D 117 -3.34 5.70 -4.90
CA ASP D 117 -4.41 6.32 -4.11
C ASP D 117 -5.33 5.24 -3.52
N ASN D 118 -5.70 4.29 -4.39
CA ASN D 118 -6.51 3.13 -4.02
C ASN D 118 -5.92 2.43 -2.80
N LYS D 119 -4.68 1.95 -2.92
CA LYS D 119 -4.03 1.24 -1.81
C LYS D 119 -4.04 2.09 -0.55
N GLY D 120 -3.65 3.37 -0.68
CA GLY D 120 -3.46 4.21 0.48
C GLY D 120 -4.71 4.37 1.32
N ARG D 121 -5.89 4.26 0.71
CA ARG D 121 -7.10 4.32 1.54
C ARG D 121 -7.14 3.22 2.61
N ASN D 122 -6.36 2.14 2.47
CA ASN D 122 -6.34 1.11 3.51
C ASN D 122 -5.85 1.64 4.84
N TRP D 123 -5.02 2.70 4.82
CA TRP D 123 -4.45 3.24 6.06
C TRP D 123 -5.01 4.61 6.40
N CYS D 124 -6.10 5.03 5.78
CA CYS D 124 -6.63 6.35 6.08
C CYS D 124 -7.30 6.34 7.45
N PRO D 125 -7.10 7.40 8.25
CA PRO D 125 -7.80 7.48 9.55
C PRO D 125 -9.31 7.60 9.43
N GLY D 126 -9.85 7.97 8.27
CA GLY D 126 -11.28 7.98 8.08
C GLY D 126 -11.90 9.37 8.10
N PRO D 127 -13.16 9.48 7.66
CA PRO D 127 -13.79 10.81 7.50
C PRO D 127 -13.99 11.58 8.81
N ASN D 128 -13.98 10.92 9.96
CA ASN D 128 -14.03 11.63 11.23
C ASN D 128 -12.74 11.51 12.02
N GLY D 129 -11.66 11.06 11.38
CA GLY D 129 -10.41 10.89 12.08
C GLY D 129 -9.26 11.62 11.40
N GLY D 130 -9.57 12.43 10.40
CA GLY D 130 -8.55 13.23 9.76
C GLY D 130 -8.27 12.93 8.30
N CYS D 131 -9.20 12.25 7.62
CA CYS D 131 -9.04 11.96 6.19
C CYS D 131 -8.87 13.26 5.39
N VAL D 132 -7.86 13.29 4.52
CA VAL D 132 -7.63 14.43 3.65
C VAL D 132 -7.86 14.10 2.19
N HIS D 133 -8.42 12.92 1.89
CA HIS D 133 -8.70 12.58 0.51
C HIS D 133 -9.72 13.53 -0.08
N ALA D 134 -9.41 14.07 -1.26
CA ALA D 134 -10.30 15.04 -1.88
C ALA D 134 -11.65 14.42 -2.18
N VAL D 135 -11.65 13.19 -2.71
CA VAL D 135 -12.85 12.36 -2.72
C VAL D 135 -12.82 11.59 -1.40
N VAL D 136 -13.66 12.01 -0.46
CA VAL D 136 -13.50 11.65 0.95
C VAL D 136 -13.76 10.16 1.16
N CYS D 137 -13.05 9.58 2.11
CA CYS D 137 -13.28 8.19 2.49
C CYS D 137 -14.65 8.03 3.13
N LEU D 138 -15.23 6.84 2.97
CA LEU D 138 -16.46 6.47 3.66
C LEU D 138 -16.20 5.85 5.03
N ARG D 139 -14.98 5.39 5.30
CA ARG D 139 -14.70 4.75 6.58
C ARG D 139 -13.21 4.86 6.85
N GLN D 140 -12.85 4.60 8.09
CA GLN D 140 -11.44 4.40 8.42
C GLN D 140 -10.90 3.17 7.70
N GLY D 141 -9.67 3.26 7.20
CA GLY D 141 -9.07 2.14 6.52
C GLY D 141 -8.90 0.96 7.47
N PRO D 142 -9.11 -0.26 6.96
CA PRO D 142 -9.01 -1.46 7.84
C PRO D 142 -7.65 -1.66 8.44
N LEU D 143 -6.60 -1.08 7.89
CA LEU D 143 -5.24 -1.28 8.33
C LEU D 143 -4.69 -0.08 9.12
N TYR D 144 -5.50 0.94 9.35
CA TYR D 144 -5.05 2.08 10.15
C TYR D 144 -4.76 1.62 11.58
N GLY D 145 -3.71 2.17 12.18
CA GLY D 145 -3.41 1.84 13.55
C GLY D 145 -1.94 1.91 13.90
N PRO D 146 -1.58 1.51 15.13
CA PRO D 146 -0.19 1.67 15.56
C PRO D 146 0.76 0.72 14.88
N GLY D 147 0.25 -0.34 14.24
CA GLY D 147 1.08 -1.36 13.64
C GLY D 147 1.60 -2.33 14.68
N ALA D 148 2.35 -3.32 14.21
CA ALA D 148 2.94 -4.34 15.09
C ALA D 148 4.40 -4.55 14.70
N THR D 149 5.20 -3.50 14.86
CA THR D 149 6.61 -3.53 14.51
C THR D 149 7.42 -4.39 15.48
N VAL D 150 8.20 -5.32 14.93
CA VAL D 150 8.95 -6.24 15.77
C VAL D 150 10.22 -5.58 16.30
N ALA D 151 10.90 -4.77 15.50
CA ALA D 151 12.09 -4.08 15.96
C ALA D 151 12.16 -2.73 15.27
N GLY D 152 12.63 -1.73 16.02
CA GLY D 152 12.74 -0.38 15.52
C GLY D 152 14.15 -0.12 15.03
N PRO D 153 14.41 1.11 14.60
CA PRO D 153 15.75 1.43 14.10
C PRO D 153 16.80 1.31 15.19
N GLN D 154 17.95 0.76 14.83
CA GLN D 154 18.94 0.43 15.84
C GLN D 154 20.30 0.17 15.18
N GLN D 155 21.35 0.44 15.92
CA GLN D 155 22.71 0.14 15.49
C GLN D 155 23.48 -0.42 16.67
N ARG D 156 24.47 -1.25 16.37
CA ARG D 156 25.35 -1.82 17.39
C ARG D 156 26.54 -0.93 17.71
N GLY D 157 27.11 -0.26 16.72
CA GLY D 157 28.26 0.60 16.89
C GLY D 157 27.89 2.06 16.94
N SER D 158 28.78 2.91 16.45
CA SER D 158 28.58 4.36 16.42
C SER D 158 28.86 4.94 15.05
N HIS D 159 28.53 4.22 13.99
CA HIS D 159 28.75 4.70 12.64
C HIS D 159 27.62 5.56 12.07
N PHE D 160 26.44 5.56 12.66
CA PHE D 160 25.26 6.13 12.01
C PHE D 160 24.61 7.23 12.85
N VAL D 161 24.01 8.20 12.15
CA VAL D 161 23.11 9.19 12.73
C VAL D 161 21.80 9.15 11.96
N VAL D 162 20.74 9.63 12.62
CA VAL D 162 19.47 9.78 11.91
C VAL D 162 19.63 10.89 10.88
TL TL E . -9.26 -0.20 -1.97
NA NA F . -9.35 -0.21 -1.97
C1 GOL G . 7.32 -9.83 0.76
O1 GOL G . 6.03 -10.42 0.87
C2 GOL G . 8.42 -10.87 0.76
O2 GOL G . 8.05 -12.01 -0.01
C3 GOL G . 8.85 -11.28 2.15
O3 GOL G . 9.90 -12.25 2.11
TL TL H . 8.40 1.26 3.04
NA NA I . 8.45 1.26 3.07
C1 GOL J . -4.26 -1.98 -13.75
O1 GOL J . -4.96 -2.53 -14.86
C2 GOL J . -3.66 -3.07 -12.88
O2 GOL J . -2.68 -3.79 -13.64
C3 GOL J . -3.07 -2.56 -11.59
O3 GOL J . -1.80 -1.93 -11.79
ZN ZN K . 3.55 7.01 10.88
ZN ZN L . 17.66 6.76 4.81
C1 GOL M . 14.68 10.81 2.39
O1 GOL M . 13.39 10.86 2.99
C2 GOL M . 14.63 11.14 0.91
O2 GOL M . 13.32 10.90 0.38
C3 GOL M . 15.66 10.40 0.08
O3 GOL M . 15.38 10.49 -1.32
C1 GOL N . 18.58 9.29 -3.60
O1 GOL N . 17.81 9.99 -2.62
C2 GOL N . 18.00 7.91 -3.85
O2 GOL N . 18.92 6.91 -3.44
C3 GOL N . 17.59 7.69 -5.29
O3 GOL N . 18.70 7.42 -6.14
ZN ZN O . -9.28 9.14 3.38
ZN ZN P . -19.75 -1.41 -0.36
C1 GOL Q . -17.53 -5.23 5.14
O1 GOL Q . -16.95 -6.28 4.38
C2 GOL Q . -16.66 -3.99 5.11
O2 GOL Q . -15.62 -4.11 6.07
C3 GOL Q . -17.43 -2.71 5.33
O3 GOL Q . -16.61 -1.56 5.15
#